data_5NBH
#
_entry.id   5NBH
#
_cell.length_a   55.872
_cell.length_b   91.110
_cell.length_c   128.922
_cell.angle_alpha   90.00
_cell.angle_beta   90.00
_cell.angle_gamma   90.00
#
_symmetry.space_group_name_H-M   'P 21 21 21'
#
loop_
_entity.id
_entity.type
_entity.pdbx_description
1 polymer Fiber
2 non-polymer GLYCEROL
3 water water
#
_entity_poly.entity_id   1
_entity_poly.type   'polypeptide(L)'
_entity_poly.pdbx_seq_one_letter_code
;GSSHHHHHHSSGLVPRGSHMASMTGGQQMGRGSEFGALTAQGASFFTAAPLSYNTGNSTISLDYRSPQLRVSGGALALTS
PVFVYQTPFNTPMRLRNGTYNEYADAHIQMVRFGTTVLFNIDVTGETNATGTQTWELQFDGTLGSCLTGRMQVMGGTGEE
LDVTPTFILPTSDKSVYKQGFMPIVCSENGEFKQSTYCSYALTYRLGNFYITLKSTTSGCKPIFQMSFMYESQIGIV
;
_entity_poly.pdbx_strand_id   A,B,C
#
loop_
_chem_comp.id
_chem_comp.type
_chem_comp.name
_chem_comp.formula
GOL non-polymer GLYCEROL 'C3 H8 O3'
#
# COMPACT_ATOMS: atom_id res chain seq x y z
N SER A 44 -41.67 13.18 19.15
CA SER A 44 -42.22 11.80 19.16
C SER A 44 -41.21 10.71 18.76
N PHE A 45 -39.95 11.06 18.50
CA PHE A 45 -38.91 10.06 18.19
C PHE A 45 -37.55 10.41 18.82
N PHE A 46 -36.72 9.38 18.96
CA PHE A 46 -35.37 9.48 19.49
C PHE A 46 -34.36 9.05 18.42
N THR A 47 -33.08 9.25 18.72
CA THR A 47 -31.99 8.89 17.79
C THR A 47 -30.91 8.11 18.58
N ALA A 48 -30.42 6.99 18.03
CA ALA A 48 -29.32 6.25 18.64
C ALA A 48 -28.02 6.67 17.98
N ALA A 49 -26.99 6.92 18.80
CA ALA A 49 -25.66 7.19 18.27
C ALA A 49 -25.30 6.16 17.20
N PRO A 50 -24.65 6.61 16.12
CA PRO A 50 -24.06 7.91 15.84
C PRO A 50 -25.01 8.97 15.33
N LEU A 51 -26.31 8.71 15.29
CA LEU A 51 -27.26 9.77 15.00
C LEU A 51 -27.56 10.53 16.29
N SER A 52 -27.71 11.84 16.16
CA SER A 52 -28.11 12.68 17.29
C SER A 52 -29.19 13.70 16.91
N TYR A 53 -29.91 14.17 17.92
CA TYR A 53 -30.98 15.15 17.74
C TYR A 53 -30.79 16.35 18.68
N ASN A 54 -30.70 17.55 18.10
CA ASN A 54 -30.57 18.80 18.82
C ASN A 54 -31.98 19.42 19.04
N THR A 55 -32.36 19.59 20.32
CA THR A 55 -33.64 20.23 20.71
C THR A 55 -33.68 21.70 20.29
N GLY A 56 -32.58 22.41 20.50
CA GLY A 56 -32.46 23.83 20.14
C GLY A 56 -32.92 24.20 18.74
N ASN A 57 -32.53 23.39 17.74
CA ASN A 57 -32.82 23.71 16.33
C ASN A 57 -33.64 22.62 15.61
N SER A 58 -34.19 21.68 16.38
CA SER A 58 -34.98 20.57 15.84
C SER A 58 -34.29 19.86 14.67
N THR A 59 -32.99 19.58 14.83
CA THR A 59 -32.19 19.05 13.74
C THR A 59 -31.55 17.71 14.08
N ILE A 60 -31.78 16.73 13.19
CA ILE A 60 -31.13 15.45 13.28
C ILE A 60 -29.82 15.53 12.50
N SER A 61 -28.75 15.02 13.11
CA SER A 61 -27.40 14.96 12.53
C SER A 61 -26.80 13.56 12.62
N LEU A 62 -25.77 13.32 11.78
CA LEU A 62 -24.85 12.16 11.95
C LEU A 62 -23.52 12.65 12.54
N ASP A 63 -23.14 12.11 13.69
CA ASP A 63 -21.85 12.42 14.28
C ASP A 63 -20.79 11.48 13.72
N TYR A 64 -19.70 12.06 13.24
CA TYR A 64 -18.59 11.25 12.67
C TYR A 64 -17.22 11.85 13.06
N ARG A 65 -16.18 11.03 12.92
CA ARG A 65 -14.80 11.43 13.23
C ARG A 65 -14.21 12.08 12.01
N SER A 66 -13.93 13.37 12.09
CA SER A 66 -13.54 14.14 10.91
C SER A 66 -12.18 13.74 10.29
N PRO A 67 -11.27 13.20 11.09
CA PRO A 67 -10.06 12.67 10.42
C PRO A 67 -10.25 11.41 9.54
N GLN A 68 -11.41 10.77 9.65
CA GLN A 68 -11.72 9.49 8.97
C GLN A 68 -12.86 9.64 7.97
N LEU A 69 -13.86 10.44 8.35
CA LEU A 69 -15.05 10.69 7.51
C LEU A 69 -15.29 12.18 7.34
N ARG A 70 -15.99 12.53 6.26
CA ARG A 70 -16.21 13.92 5.90
C ARG A 70 -17.45 14.04 5.02
N VAL A 71 -17.87 15.28 4.79
CA VAL A 71 -18.97 15.59 3.89
C VAL A 71 -18.42 16.18 2.60
N SER A 72 -18.84 15.59 1.48
CA SER A 72 -18.42 15.99 0.14
C SER A 72 -19.66 16.27 -0.71
N GLY A 73 -19.87 17.56 -1.02
CA GLY A 73 -21.06 17.99 -1.78
C GLY A 73 -22.37 17.50 -1.16
N GLY A 74 -22.47 17.57 0.16
CA GLY A 74 -23.66 17.13 0.86
C GLY A 74 -23.69 15.66 1.27
N ALA A 75 -22.74 14.86 0.79
CA ALA A 75 -22.77 13.38 0.94
C ALA A 75 -21.62 12.87 1.82
N LEU A 76 -21.87 11.78 2.54
CA LEU A 76 -20.82 11.22 3.42
C LEU A 76 -19.75 10.62 2.54
N ALA A 77 -18.51 10.80 2.98
CA ALA A 77 -17.34 10.31 2.29
C ALA A 77 -16.23 9.99 3.30
N LEU A 78 -15.17 9.36 2.79
CA LEU A 78 -13.97 9.14 3.58
C LEU A 78 -12.98 10.30 3.42
N THR A 79 -12.19 10.53 4.46
CA THR A 79 -11.15 11.54 4.41
C THR A 79 -9.96 11.01 3.55
N SER A 80 -9.71 9.71 3.64
CA SER A 80 -8.59 9.08 2.89
C SER A 80 -9.06 7.78 2.24
N PRO A 81 -9.95 7.87 1.22
CA PRO A 81 -10.45 6.66 0.57
C PRO A 81 -9.37 5.98 -0.25
N VAL A 82 -9.46 4.67 -0.40
CA VAL A 82 -8.60 3.91 -1.31
C VAL A 82 -9.30 3.86 -2.65
N PHE A 83 -8.55 4.22 -3.70
CA PHE A 83 -9.01 4.06 -5.09
C PHE A 83 -7.95 3.31 -5.87
N VAL A 84 -8.37 2.44 -6.76
CA VAL A 84 -7.43 1.71 -7.61
C VAL A 84 -7.78 1.86 -9.07
N TYR A 85 -6.80 2.28 -9.89
CA TYR A 85 -6.95 2.26 -11.32
C TYR A 85 -6.06 1.12 -11.83
N GLN A 86 -6.66 0.19 -12.55
CA GLN A 86 -5.94 -1.03 -12.89
C GLN A 86 -6.39 -1.61 -14.19
N THR A 87 -5.55 -2.46 -14.77
CA THR A 87 -5.95 -3.32 -15.87
C THR A 87 -7.01 -4.32 -15.36
N PRO A 88 -8.00 -4.64 -16.21
CA PRO A 88 -9.02 -5.58 -15.77
C PRO A 88 -8.48 -6.94 -15.47
N PHE A 89 -9.18 -7.62 -14.57
CA PHE A 89 -8.95 -9.01 -14.24
C PHE A 89 -8.71 -9.81 -15.52
N ASN A 90 -7.55 -10.45 -15.63
CA ASN A 90 -7.25 -11.31 -16.78
C ASN A 90 -7.21 -10.55 -18.14
N THR A 91 -6.99 -9.23 -18.09
CA THR A 91 -6.96 -8.41 -19.31
C THR A 91 -5.71 -7.52 -19.31
N PRO A 92 -4.54 -8.16 -19.39
CA PRO A 92 -3.30 -7.40 -19.41
C PRO A 92 -3.21 -6.51 -20.66
N MET A 93 -2.43 -5.44 -20.53
CA MET A 93 -2.26 -4.44 -21.58
C MET A 93 -1.09 -4.82 -22.48
N ARG A 94 -1.31 -4.74 -23.78
CA ARG A 94 -0.26 -5.01 -24.75
C ARG A 94 0.58 -3.75 -24.95
N LEU A 95 1.90 -3.89 -24.74
CA LEU A 95 2.87 -2.82 -24.86
C LEU A 95 3.92 -3.18 -25.90
N ARG A 96 4.34 -2.19 -26.65
CA ARG A 96 5.44 -2.35 -27.61
C ARG A 96 6.69 -1.64 -27.11
N ASN A 97 7.85 -2.28 -27.30
CA ASN A 97 9.13 -1.66 -27.02
C ASN A 97 9.52 -0.70 -28.15
N GLY A 98 9.09 0.54 -28.02
CA GLY A 98 9.37 1.58 -29.01
C GLY A 98 8.96 1.17 -30.41
N THR A 99 9.90 1.24 -31.37
CA THR A 99 9.65 0.90 -32.75
C THR A 99 10.08 -0.52 -33.10
N TYR A 100 10.58 -1.27 -32.11
CA TYR A 100 11.10 -2.61 -32.36
C TYR A 100 9.92 -3.56 -32.45
N ASN A 101 10.16 -4.73 -33.02
CA ASN A 101 9.12 -5.76 -33.13
C ASN A 101 9.19 -6.62 -31.85
N GLU A 102 9.03 -5.96 -30.70
CA GLU A 102 9.16 -6.59 -29.39
C GLU A 102 8.00 -6.09 -28.55
N TYR A 103 7.29 -7.01 -27.92
CA TYR A 103 6.07 -6.70 -27.16
C TYR A 103 6.07 -7.36 -25.78
N ALA A 104 5.21 -6.84 -24.90
CA ALA A 104 4.98 -7.41 -23.58
C ALA A 104 3.50 -7.25 -23.21
N ASP A 105 3.04 -8.09 -22.29
CA ASP A 105 1.72 -7.96 -21.66
C ASP A 105 1.96 -7.47 -20.25
N ALA A 106 1.18 -6.50 -19.79
CA ALA A 106 1.40 -5.93 -18.49
C ALA A 106 0.09 -5.87 -17.68
N HIS A 107 0.17 -6.32 -16.43
CA HIS A 107 -0.89 -6.08 -15.44
C HIS A 107 -0.43 -4.89 -14.63
N ILE A 108 -1.30 -3.90 -14.47
CA ILE A 108 -0.95 -2.65 -13.80
C ILE A 108 -1.97 -2.30 -12.73
N GLN A 109 -1.49 -1.92 -11.55
CA GLN A 109 -2.36 -1.34 -10.52
C GLN A 109 -1.80 0.00 -10.04
N MET A 110 -2.68 1.00 -9.90
CA MET A 110 -2.30 2.30 -9.41
C MET A 110 -3.19 2.57 -8.21
N VAL A 111 -2.61 2.50 -7.03
CA VAL A 111 -3.35 2.54 -5.74
C VAL A 111 -3.19 3.88 -5.08
N ARG A 112 -4.30 4.58 -4.88
CA ARG A 112 -4.29 5.89 -4.31
C ARG A 112 -4.77 5.83 -2.86
N PHE A 113 -3.99 6.39 -1.96
CA PHE A 113 -4.42 6.60 -0.56
C PHE A 113 -3.75 7.84 -0.03
N GLY A 114 -4.49 8.63 0.71
CA GLY A 114 -4.08 9.98 0.97
C GLY A 114 -3.91 10.62 -0.40
N THR A 115 -2.79 11.30 -0.59
CA THR A 115 -2.41 11.85 -1.91
C THR A 115 -1.31 11.03 -2.56
N THR A 116 -1.01 9.87 -1.99
CA THR A 116 0.03 8.98 -2.49
C THR A 116 -0.48 7.99 -3.51
N VAL A 117 0.33 7.71 -4.53
CA VAL A 117 -0.01 6.67 -5.47
C VAL A 117 1.07 5.58 -5.45
N LEU A 118 0.67 4.34 -5.19
CA LEU A 118 1.54 3.17 -5.29
C LEU A 118 1.32 2.55 -6.66
N PHE A 119 2.35 2.58 -7.51
CA PHE A 119 2.28 2.04 -8.86
C PHE A 119 2.92 0.66 -8.87
N ASN A 120 2.21 -0.33 -9.37
CA ASN A 120 2.72 -1.68 -9.51
C ASN A 120 2.50 -2.17 -10.90
N ILE A 121 3.51 -2.79 -11.48
CA ILE A 121 3.40 -3.37 -12.80
C ILE A 121 4.05 -4.76 -12.83
N ASP A 122 3.42 -5.65 -13.56
CA ASP A 122 3.92 -7.01 -13.78
C ASP A 122 4.07 -7.14 -15.26
N VAL A 123 5.30 -7.20 -15.78
CA VAL A 123 5.56 -7.14 -17.22
C VAL A 123 5.99 -8.52 -17.64
N THR A 124 5.36 -9.06 -18.67
CA THR A 124 5.80 -10.34 -19.23
C THR A 124 6.14 -10.11 -20.71
N GLY A 125 7.42 -9.87 -20.95
CA GLY A 125 7.97 -9.74 -22.31
C GLY A 125 7.97 -11.06 -23.08
N GLU A 126 7.90 -10.95 -24.40
CA GLU A 126 7.80 -12.12 -25.26
C GLU A 126 9.15 -12.52 -25.81
N THR A 127 10.06 -11.57 -25.95
CA THR A 127 11.25 -11.77 -26.76
C THR A 127 12.52 -11.58 -25.96
N ASN A 128 13.42 -12.55 -26.03
CA ASN A 128 14.74 -12.39 -25.44
C ASN A 128 15.44 -11.17 -26.03
N ALA A 129 16.10 -10.40 -25.18
CA ALA A 129 16.73 -9.17 -25.63
C ALA A 129 17.93 -8.82 -24.79
N THR A 130 18.88 -8.16 -25.44
CA THR A 130 20.02 -7.62 -24.80
C THR A 130 20.01 -6.12 -25.14
N GLY A 131 19.83 -5.31 -24.12
CA GLY A 131 19.72 -3.88 -24.27
C GLY A 131 18.67 -3.34 -23.32
N THR A 132 18.12 -2.19 -23.64
CA THR A 132 17.19 -1.50 -22.74
C THR A 132 15.87 -1.34 -23.46
N GLN A 133 14.77 -1.81 -22.86
CA GLN A 133 13.42 -1.70 -23.47
C GLN A 133 12.69 -0.50 -22.89
N THR A 134 11.86 0.14 -23.69
CA THR A 134 11.12 1.31 -23.26
C THR A 134 9.65 0.97 -23.33
N TRP A 135 8.98 1.03 -22.16
CA TRP A 135 7.56 0.73 -22.05
C TRP A 135 6.92 2.05 -21.67
N GLU A 136 5.97 2.51 -22.48
CA GLU A 136 5.40 3.85 -22.30
C GLU A 136 3.92 3.71 -22.04
N LEU A 137 3.46 4.25 -20.91
CA LEU A 137 2.01 4.37 -20.62
C LEU A 137 1.57 5.82 -20.72
N GLN A 138 0.51 6.07 -21.49
CA GLN A 138 -0.02 7.41 -21.72
CA GLN A 138 -0.01 7.42 -21.70
C GLN A 138 -1.40 7.50 -21.09
N PHE A 139 -1.67 8.62 -20.45
CA PHE A 139 -2.94 8.88 -19.81
C PHE A 139 -3.38 10.29 -20.19
N ASP A 140 -4.68 10.45 -20.38
CA ASP A 140 -5.21 11.79 -20.62
C ASP A 140 -4.79 12.76 -19.51
N GLY A 141 -4.22 13.90 -19.89
CA GLY A 141 -3.64 14.80 -18.92
C GLY A 141 -4.61 15.55 -18.03
N THR A 142 -5.89 15.52 -18.39
CA THR A 142 -6.98 16.17 -17.63
C THR A 142 -7.90 15.17 -16.92
N LEU A 143 -8.25 14.08 -17.62
CA LEU A 143 -9.12 13.03 -17.11
C LEU A 143 -8.40 11.84 -16.44
N GLY A 144 -7.12 11.63 -16.74
CA GLY A 144 -6.39 10.48 -16.20
C GLY A 144 -6.60 9.16 -16.94
N SER A 145 -7.59 9.10 -17.84
CA SER A 145 -7.90 7.86 -18.54
C SER A 145 -6.72 7.31 -19.34
N CYS A 146 -6.48 6.00 -19.23
CA CYS A 146 -5.36 5.38 -19.98
C CYS A 146 -5.68 5.33 -21.47
N LEU A 147 -4.76 5.89 -22.27
CA LEU A 147 -4.85 5.90 -23.73
C LEU A 147 -4.17 4.70 -24.38
N THR A 148 -3.23 4.07 -23.66
CA THR A 148 -2.42 2.95 -24.20
C THR A 148 -3.17 1.63 -24.25
N GLY A 149 -4.07 1.44 -23.29
CA GLY A 149 -4.85 0.23 -23.20
C GLY A 149 -5.97 0.43 -22.20
N ARG A 150 -6.71 -0.63 -21.94
CA ARG A 150 -7.88 -0.53 -21.08
CA ARG A 150 -7.89 -0.56 -21.07
C ARG A 150 -7.50 -0.64 -19.59
N MET A 151 -7.93 0.36 -18.83
CA MET A 151 -7.83 0.34 -17.35
C MET A 151 -9.20 0.78 -16.82
N GLN A 152 -9.45 0.42 -15.56
CA GLN A 152 -10.75 0.58 -14.90
C GLN A 152 -10.51 1.01 -13.46
N VAL A 153 -11.39 1.85 -12.93
CA VAL A 153 -11.38 2.12 -11.50
C VAL A 153 -12.20 0.96 -10.86
N MET A 154 -11.57 0.22 -9.96
CA MET A 154 -12.14 -1.00 -9.39
C MET A 154 -12.32 -0.90 -7.87
N GLY A 155 -13.50 -1.23 -7.38
CA GLY A 155 -13.72 -1.20 -5.95
C GLY A 155 -13.37 -2.53 -5.34
N GLY A 156 -13.25 -2.55 -4.01
CA GLY A 156 -12.99 -3.79 -3.25
C GLY A 156 -14.07 -4.83 -3.37
N THR A 157 -15.26 -4.37 -3.77
CA THR A 157 -16.36 -5.20 -4.18
C THR A 157 -16.13 -6.05 -5.40
N GLY A 158 -15.09 -5.73 -6.18
CA GLY A 158 -14.84 -6.38 -7.44
C GLY A 158 -15.63 -5.82 -8.59
N GLU A 159 -16.27 -4.66 -8.38
CA GLU A 159 -17.07 -4.00 -9.42
C GLU A 159 -16.39 -2.75 -9.91
N GLU A 160 -16.52 -2.44 -11.20
CA GLU A 160 -15.99 -1.20 -11.74
C GLU A 160 -16.78 -0.03 -11.21
N LEU A 161 -16.08 1.05 -10.85
CA LEU A 161 -16.66 2.26 -10.29
C LEU A 161 -16.69 3.32 -11.39
N ASP A 162 -17.77 4.10 -11.43
CA ASP A 162 -17.91 5.17 -12.43
C ASP A 162 -17.24 6.40 -11.83
N VAL A 163 -15.90 6.44 -11.97
CA VAL A 163 -15.05 7.46 -11.34
C VAL A 163 -14.04 7.85 -12.40
N THR A 164 -13.91 9.14 -12.67
CA THR A 164 -12.91 9.61 -13.63
CA THR A 164 -12.90 9.61 -13.62
C THR A 164 -11.57 9.46 -12.90
N PRO A 165 -10.59 8.80 -13.53
CA PRO A 165 -9.36 8.53 -12.77
C PRO A 165 -8.37 9.68 -12.66
N THR A 166 -8.84 10.86 -12.28
CA THR A 166 -7.93 11.99 -12.10
C THR A 166 -6.99 11.80 -10.91
N PHE A 167 -7.32 10.87 -10.01
CA PHE A 167 -6.54 10.68 -8.80
C PHE A 167 -5.12 10.11 -9.04
N ILE A 168 -4.81 9.68 -10.27
CA ILE A 168 -3.44 9.22 -10.61
C ILE A 168 -2.50 10.33 -11.08
N LEU A 169 -3.02 11.54 -11.33
CA LEU A 169 -2.25 12.59 -12.00
C LEU A 169 -1.33 13.31 -11.05
N PRO A 170 0.00 13.31 -11.34
CA PRO A 170 0.93 14.09 -10.57
C PRO A 170 1.07 15.54 -11.07
N THR A 171 1.92 16.32 -10.42
CA THR A 171 2.10 17.73 -10.80
C THR A 171 2.59 17.80 -12.25
N SER A 172 1.97 18.68 -13.04
CA SER A 172 2.39 18.95 -14.42
C SER A 172 3.38 20.10 -14.54
N ASP A 173 3.90 20.58 -13.41
CA ASP A 173 4.98 21.57 -13.40
C ASP A 173 6.17 21.04 -14.21
N LYS A 174 6.50 21.72 -15.30
CA LYS A 174 7.48 21.20 -16.27
C LYS A 174 8.92 21.31 -15.77
N SER A 175 9.14 22.01 -14.65
CA SER A 175 10.40 21.96 -13.92
C SER A 175 10.53 20.75 -12.96
N VAL A 176 9.48 19.92 -12.86
CA VAL A 176 9.53 18.70 -12.02
C VAL A 176 9.78 17.45 -12.87
N TYR A 177 10.77 16.67 -12.46
CA TYR A 177 11.17 15.46 -13.18
C TYR A 177 11.18 14.29 -12.19
N LYS A 178 9.99 13.81 -11.84
CA LYS A 178 9.88 12.67 -10.95
C LYS A 178 10.42 11.43 -11.67
N GLN A 179 11.49 10.87 -11.15
CA GLN A 179 12.06 9.69 -11.76
C GLN A 179 13.02 8.99 -10.84
N GLY A 180 13.39 7.79 -11.25
CA GLY A 180 14.33 7.01 -10.49
C GLY A 180 14.42 5.61 -11.05
N PHE A 181 15.11 4.74 -10.30
CA PHE A 181 15.35 3.37 -10.71
C PHE A 181 15.01 2.44 -9.57
N MET A 182 14.57 1.24 -9.91
CA MET A 182 14.31 0.21 -8.94
C MET A 182 15.08 -1.06 -9.37
N PRO A 183 15.52 -1.86 -8.39
CA PRO A 183 16.07 -3.17 -8.69
C PRO A 183 14.94 -4.09 -9.11
N ILE A 184 15.23 -4.98 -10.05
CA ILE A 184 14.26 -5.96 -10.53
C ILE A 184 15.00 -7.24 -10.78
N VAL A 185 14.24 -8.32 -10.75
CA VAL A 185 14.75 -9.62 -11.11
C VAL A 185 13.95 -10.14 -12.29
N CYS A 186 14.66 -10.48 -13.37
CA CYS A 186 14.07 -11.11 -14.51
C CYS A 186 14.10 -12.63 -14.28
N SER A 187 13.04 -13.30 -14.67
CA SER A 187 12.92 -14.76 -14.54
C SER A 187 12.09 -15.33 -15.67
N GLU A 188 12.00 -16.66 -15.75
CA GLU A 188 11.11 -17.23 -16.75
C GLU A 188 10.76 -18.62 -16.29
N ASN A 189 9.46 -18.88 -16.23
CA ASN A 189 8.93 -20.18 -15.79
C ASN A 189 9.48 -20.59 -14.44
N GLY A 190 9.58 -19.64 -13.49
CA GLY A 190 10.13 -19.93 -12.17
C GLY A 190 11.64 -20.02 -12.04
N GLU A 191 12.37 -19.82 -13.13
CA GLU A 191 13.83 -19.90 -13.13
C GLU A 191 14.45 -18.51 -13.13
N PHE A 192 15.37 -18.26 -12.21
CA PHE A 192 16.11 -17.00 -12.17
C PHE A 192 16.90 -16.78 -13.47
N LYS A 193 16.81 -15.59 -14.01
CA LYS A 193 17.60 -15.21 -15.20
C LYS A 193 18.61 -14.10 -14.94
N GLN A 194 18.19 -12.99 -14.31
CA GLN A 194 19.07 -11.87 -14.09
C GLN A 194 18.63 -10.93 -12.98
N SER A 195 19.59 -10.43 -12.20
CA SER A 195 19.36 -9.27 -11.32
C SER A 195 19.77 -8.03 -12.10
N THR A 196 18.82 -7.11 -12.26
CA THR A 196 19.04 -5.93 -13.06
C THR A 196 18.19 -4.78 -12.48
N TYR A 197 17.82 -3.83 -13.32
CA TYR A 197 17.12 -2.62 -12.88
C TYR A 197 16.17 -2.12 -13.95
N CYS A 198 15.24 -1.27 -13.49
CA CYS A 198 14.28 -0.67 -14.34
C CYS A 198 14.12 0.79 -13.90
N SER A 199 14.16 1.71 -14.84
CA SER A 199 13.87 3.11 -14.53
C SER A 199 12.37 3.41 -14.62
N TYR A 200 11.95 4.45 -13.93
CA TYR A 200 10.64 5.03 -14.13
C TYR A 200 10.80 6.53 -14.27
N ALA A 201 9.92 7.14 -15.03
CA ALA A 201 9.93 8.59 -15.22
C ALA A 201 8.51 9.05 -15.46
N LEU A 202 8.08 10.04 -14.69
CA LEU A 202 6.76 10.66 -14.85
C LEU A 202 6.94 11.99 -15.55
N THR A 203 6.24 12.18 -16.65
CA THR A 203 6.30 13.48 -17.37
C THR A 203 4.96 13.86 -17.96
N TYR A 204 4.81 15.11 -18.37
CA TYR A 204 3.72 15.48 -19.25
C TYR A 204 4.31 16.01 -20.58
N ARG A 205 3.69 15.60 -21.65
CA ARG A 205 3.91 16.26 -22.96
C ARG A 205 2.70 16.14 -23.83
N LEU A 206 2.51 17.14 -24.71
CA LEU A 206 1.40 17.11 -25.66
C LEU A 206 0.03 17.07 -24.95
N GLY A 207 -0.03 17.62 -23.74
CA GLY A 207 -1.24 17.68 -22.91
C GLY A 207 -1.52 16.42 -22.09
N ASN A 208 -0.65 15.40 -22.19
CA ASN A 208 -0.93 14.08 -21.60
C ASN A 208 0.17 13.65 -20.61
N PHE A 209 -0.20 12.73 -19.72
CA PHE A 209 0.67 12.23 -18.64
C PHE A 209 1.28 10.92 -19.10
N TYR A 210 2.60 10.80 -19.00
CA TYR A 210 3.36 9.64 -19.37
C TYR A 210 4.08 9.05 -18.17
N ILE A 211 3.96 7.72 -18.03
CA ILE A 211 4.83 6.91 -17.20
C ILE A 211 5.67 6.12 -18.18
N THR A 212 6.98 6.35 -18.11
CA THR A 212 7.91 5.68 -19.04
C THR A 212 8.83 4.81 -18.22
N LEU A 213 8.83 3.52 -18.52
CA LEU A 213 9.68 2.54 -17.86
C LEU A 213 10.77 2.05 -18.78
N LYS A 214 11.99 1.92 -18.28
CA LYS A 214 13.06 1.36 -19.10
C LYS A 214 13.77 0.23 -18.37
N SER A 215 13.55 -0.99 -18.87
CA SER A 215 14.17 -2.17 -18.29
C SER A 215 15.44 -2.53 -19.05
N THR A 216 16.46 -2.98 -18.34
CA THR A 216 17.74 -3.35 -18.98
C THR A 216 17.97 -4.85 -18.80
N THR A 217 18.15 -5.56 -19.91
CA THR A 217 18.31 -7.03 -19.89
C THR A 217 19.61 -7.45 -20.63
N SER A 218 20.13 -8.63 -20.28
CA SER A 218 21.20 -9.30 -21.02
C SER A 218 20.77 -10.72 -21.31
N GLY A 219 20.31 -10.98 -22.54
CA GLY A 219 20.04 -12.32 -22.97
C GLY A 219 18.63 -12.82 -22.74
N CYS A 220 17.94 -12.25 -21.76
CA CYS A 220 16.66 -12.77 -21.29
C CYS A 220 15.48 -11.93 -21.75
N LYS A 221 14.32 -12.53 -21.59
CA LYS A 221 13.05 -11.85 -21.78
C LYS A 221 12.83 -10.90 -20.62
N PRO A 222 12.28 -9.71 -20.89
CA PRO A 222 11.96 -8.80 -19.80
C PRO A 222 10.66 -9.24 -19.11
N ILE A 223 10.83 -9.99 -18.04
CA ILE A 223 9.72 -10.56 -17.29
C ILE A 223 10.03 -10.24 -15.83
N PHE A 224 9.31 -9.27 -15.27
CA PHE A 224 9.58 -8.72 -13.96
C PHE A 224 8.38 -8.02 -13.36
N GLN A 225 8.39 -7.79 -12.03
CA GLN A 225 7.42 -6.95 -11.31
C GLN A 225 8.21 -5.81 -10.67
N MET A 226 7.65 -4.62 -10.68
CA MET A 226 8.20 -3.53 -9.89
CA MET A 226 8.25 -3.45 -10.01
C MET A 226 7.17 -2.52 -9.47
N SER A 227 7.49 -1.82 -8.40
CA SER A 227 6.56 -0.85 -7.85
C SER A 227 7.36 0.32 -7.41
N PHE A 228 6.71 1.47 -7.38
CA PHE A 228 7.28 2.69 -6.81
C PHE A 228 6.14 3.58 -6.35
N MET A 229 6.44 4.59 -5.55
CA MET A 229 5.44 5.54 -5.09
C MET A 229 5.69 6.95 -5.64
N TYR A 230 4.61 7.67 -5.87
CA TYR A 230 4.64 9.06 -6.18
C TYR A 230 3.47 9.78 -5.54
N GLU A 231 3.38 11.10 -5.77
CA GLU A 231 2.35 11.92 -5.20
CA GLU A 231 2.32 11.91 -5.20
C GLU A 231 1.41 12.45 -6.28
N SER A 232 0.12 12.49 -5.97
CA SER A 232 -0.84 13.17 -6.83
C SER A 232 -1.16 14.55 -6.29
N GLN A 233 -1.27 15.49 -7.22
CA GLN A 233 -1.68 16.87 -6.93
C GLN A 233 -3.20 17.00 -6.74
N ILE A 234 -3.95 15.97 -7.16
CA ILE A 234 -5.38 16.07 -7.30
C ILE A 234 -5.98 15.52 -6.04
N GLY A 235 -6.60 16.41 -5.27
CA GLY A 235 -7.37 16.00 -4.11
C GLY A 235 -8.66 15.34 -4.53
N ILE A 236 -9.03 14.30 -3.79
CA ILE A 236 -10.32 13.65 -3.95
C ILE A 236 -11.28 14.47 -3.07
N VAL A 237 -12.15 15.24 -3.73
CA VAL A 237 -13.11 16.09 -3.02
C VAL A 237 -14.53 15.79 -3.54
N SER B 44 -45.44 8.81 10.29
CA SER B 44 -45.48 10.10 9.51
C SER B 44 -44.25 10.33 8.59
N PHE B 45 -43.13 9.67 8.88
CA PHE B 45 -41.96 9.67 8.01
C PHE B 45 -41.45 8.25 7.85
N PHE B 46 -40.57 8.07 6.86
CA PHE B 46 -39.95 6.79 6.56
C PHE B 46 -38.46 7.00 6.61
N THR B 47 -37.71 5.91 6.79
CA THR B 47 -36.23 5.94 6.80
C THR B 47 -35.73 4.96 5.76
N ALA B 48 -34.81 5.40 4.89
CA ALA B 48 -34.22 4.54 3.88
C ALA B 48 -32.92 3.97 4.38
N ALA B 49 -32.76 2.65 4.29
CA ALA B 49 -31.51 1.99 4.61
C ALA B 49 -30.33 2.77 4.00
N PRO B 50 -29.24 2.96 4.78
CA PRO B 50 -28.91 2.31 6.04
C PRO B 50 -29.51 2.95 7.29
N LEU B 51 -30.43 3.92 7.16
CA LEU B 51 -31.15 4.39 8.33
C LEU B 51 -32.33 3.45 8.56
N SER B 52 -32.65 3.19 9.83
CA SER B 52 -33.78 2.33 10.16
C SER B 52 -34.54 2.90 11.33
N TYR B 53 -35.84 2.62 11.35
CA TYR B 53 -36.74 3.14 12.39
C TYR B 53 -37.40 1.96 13.10
N ASN B 54 -37.30 1.96 14.42
CA ASN B 54 -37.92 0.94 15.24
C ASN B 54 -39.18 1.56 15.83
N THR B 55 -40.33 1.06 15.39
CA THR B 55 -41.64 1.55 15.85
C THR B 55 -41.84 1.29 17.34
N GLY B 56 -41.39 0.10 17.79
CA GLY B 56 -41.35 -0.27 19.22
C GLY B 56 -40.86 0.83 20.16
N ASN B 57 -39.71 1.42 19.86
CA ASN B 57 -39.08 2.42 20.72
C ASN B 57 -38.95 3.82 20.12
N SER B 58 -39.57 4.06 18.95
CA SER B 58 -39.53 5.37 18.29
C SER B 58 -38.11 5.89 18.03
N THR B 59 -37.21 4.99 17.65
CA THR B 59 -35.78 5.30 17.57
C THR B 59 -35.27 5.09 16.16
N ILE B 60 -34.65 6.13 15.61
CA ILE B 60 -33.94 6.06 14.32
C ILE B 60 -32.50 5.64 14.62
N SER B 61 -32.00 4.65 13.88
CA SER B 61 -30.62 4.15 14.00
C SER B 61 -29.95 4.18 12.62
N LEU B 62 -28.61 4.18 12.64
CA LEU B 62 -27.80 3.87 11.45
C LEU B 62 -27.27 2.45 11.59
N ASP B 63 -27.59 1.60 10.61
CA ASP B 63 -27.04 0.25 10.56
C ASP B 63 -25.72 0.28 9.79
N TYR B 64 -24.69 -0.36 10.34
CA TYR B 64 -23.37 -0.34 9.68
C TYR B 64 -22.71 -1.69 9.84
N ARG B 65 -21.80 -2.00 8.92
CA ARG B 65 -21.12 -3.28 8.92
C ARG B 65 -19.92 -3.23 9.90
N SER B 66 -19.95 -4.04 10.97
CA SER B 66 -18.97 -3.83 12.08
C SER B 66 -17.50 -4.23 11.83
N PRO B 67 -17.22 -5.15 10.90
CA PRO B 67 -15.79 -5.32 10.50
C PRO B 67 -15.12 -4.09 9.83
N GLN B 68 -15.93 -3.13 9.40
CA GLN B 68 -15.44 -1.99 8.61
C GLN B 68 -15.68 -0.64 9.27
N LEU B 69 -16.81 -0.51 9.96
CA LEU B 69 -17.20 0.71 10.63
C LEU B 69 -17.49 0.42 12.08
N ARG B 70 -17.35 1.44 12.90
CA ARG B 70 -17.63 1.32 14.34
C ARG B 70 -18.09 2.65 14.89
N VAL B 71 -18.49 2.64 16.17
CA VAL B 71 -18.87 3.86 16.87
C VAL B 71 -17.92 4.05 18.07
N SER B 72 -17.34 5.23 18.18
CA SER B 72 -16.43 5.58 19.28
C SER B 72 -16.83 6.93 19.87
N GLY B 73 -17.20 6.93 21.15
CA GLY B 73 -17.64 8.16 21.81
C GLY B 73 -18.84 8.77 21.13
N GLY B 74 -19.76 7.90 20.69
CA GLY B 74 -20.95 8.31 19.95
C GLY B 74 -20.78 8.71 18.48
N ALA B 75 -19.60 8.58 17.91
CA ALA B 75 -19.32 9.08 16.55
C ALA B 75 -18.89 7.95 15.61
N LEU B 76 -19.39 7.98 14.37
CA LEU B 76 -19.05 6.94 13.39
C LEU B 76 -17.56 7.07 13.02
N ALA B 77 -16.91 5.94 12.93
CA ALA B 77 -15.50 5.88 12.52
C ALA B 77 -15.24 4.59 11.77
N LEU B 78 -14.02 4.45 11.25
CA LEU B 78 -13.61 3.22 10.57
C LEU B 78 -12.84 2.31 11.52
N THR B 79 -12.94 1.00 11.30
CA THR B 79 -12.11 0.04 11.99
C THR B 79 -10.64 0.16 11.54
N SER B 80 -10.43 0.35 10.23
CA SER B 80 -9.07 0.41 9.65
C SER B 80 -8.89 1.58 8.73
N PRO B 81 -8.89 2.82 9.28
CA PRO B 81 -8.68 3.99 8.44
C PRO B 81 -7.27 4.01 7.89
N VAL B 82 -7.12 4.57 6.69
CA VAL B 82 -5.82 4.91 6.15
C VAL B 82 -5.41 6.27 6.71
N PHE B 83 -4.20 6.31 7.30
CA PHE B 83 -3.57 7.58 7.61
C PHE B 83 -2.21 7.60 6.94
N VAL B 84 -1.88 8.72 6.33
CA VAL B 84 -0.54 8.92 5.78
C VAL B 84 0.15 10.08 6.50
N TYR B 85 1.34 9.80 7.04
CA TYR B 85 2.14 10.85 7.65
C TYR B 85 3.25 11.09 6.65
N GLN B 86 3.36 12.31 6.12
CA GLN B 86 4.27 12.58 5.04
C GLN B 86 4.90 13.96 5.03
N THR B 87 5.98 14.10 4.27
CA THR B 87 6.48 15.43 3.96
C THR B 87 5.43 16.08 3.08
N PRO B 88 5.24 17.40 3.19
CA PRO B 88 4.16 18.04 2.43
C PRO B 88 4.44 18.08 0.93
N PHE B 89 3.36 18.29 0.18
CA PHE B 89 3.37 18.15 -1.28
C PHE B 89 4.55 18.89 -1.88
N ASN B 90 5.39 18.16 -2.61
CA ASN B 90 6.62 18.71 -3.19
C ASN B 90 7.34 19.68 -2.22
N THR B 91 7.47 19.26 -0.96
CA THR B 91 8.14 20.04 0.09
C THR B 91 9.08 19.11 0.90
N PRO B 92 10.19 18.71 0.28
CA PRO B 92 11.02 17.67 0.86
C PRO B 92 11.75 18.16 2.09
N MET B 93 12.13 17.21 2.92
CA MET B 93 12.88 17.49 4.14
C MET B 93 14.37 17.51 3.81
N ARG B 94 15.10 18.44 4.40
CA ARG B 94 16.55 18.49 4.29
C ARG B 94 17.22 17.58 5.35
N LEU B 95 17.92 16.55 4.87
CA LEU B 95 18.63 15.61 5.70
C LEU B 95 20.12 15.85 5.57
N ARG B 96 20.84 15.54 6.63
CA ARG B 96 22.30 15.66 6.66
C ARG B 96 22.90 14.29 6.91
N ASN B 97 23.98 13.98 6.23
CA ASN B 97 24.76 12.77 6.48
C ASN B 97 25.60 12.96 7.75
N GLY B 98 25.08 12.55 8.91
CA GLY B 98 25.77 12.73 10.19
C GLY B 98 26.28 14.16 10.42
N THR B 99 27.56 14.33 10.70
CA THR B 99 28.22 15.65 10.82
C THR B 99 28.92 16.09 9.53
N TYR B 100 28.87 15.26 8.48
CA TYR B 100 29.48 15.63 7.21
C TYR B 100 28.73 16.81 6.59
N ASN B 101 29.40 17.51 5.66
CA ASN B 101 28.80 18.59 4.88
C ASN B 101 28.23 18.03 3.57
N GLU B 102 27.28 17.11 3.76
CA GLU B 102 26.64 16.34 2.70
C GLU B 102 25.17 16.30 3.11
N TYR B 103 24.30 16.72 2.20
CA TYR B 103 22.88 16.83 2.45
C TYR B 103 22.11 16.14 1.33
N ALA B 104 20.84 15.88 1.62
CA ALA B 104 19.91 15.30 0.68
C ALA B 104 18.54 15.86 0.95
N ASP B 105 17.73 15.94 -0.09
CA ASP B 105 16.30 16.20 0.06
C ASP B 105 15.57 14.88 0.07
N ALA B 106 14.61 14.74 0.98
CA ALA B 106 13.88 13.50 1.10
C ALA B 106 12.37 13.76 1.11
N HIS B 107 11.64 13.05 0.26
CA HIS B 107 10.20 12.93 0.32
C HIS B 107 9.90 11.63 1.06
N ILE B 108 9.07 11.73 2.09
CA ILE B 108 8.80 10.60 2.97
C ILE B 108 7.30 10.40 3.08
N GLN B 109 6.86 9.16 2.94
CA GLN B 109 5.47 8.78 3.21
C GLN B 109 5.49 7.55 4.12
N MET B 110 4.67 7.64 5.18
CA MET B 110 4.50 6.59 6.14
C MET B 110 3.01 6.29 6.17
N VAL B 111 2.66 5.15 5.60
CA VAL B 111 1.27 4.81 5.36
C VAL B 111 0.82 3.77 6.36
N ARG B 112 -0.21 4.10 7.13
CA ARG B 112 -0.74 3.22 8.17
C ARG B 112 -1.96 2.46 7.62
N PHE B 113 -1.81 1.13 7.48
CA PHE B 113 -2.83 0.19 6.93
C PHE B 113 -3.11 -0.77 8.07
N GLY B 114 -4.29 -0.75 8.67
CA GLY B 114 -4.49 -1.62 9.82
C GLY B 114 -3.53 -1.18 10.91
N THR B 115 -2.73 -2.11 11.44
CA THR B 115 -1.62 -1.79 12.36
C THR B 115 -0.22 -1.79 11.71
N THR B 116 -0.14 -1.88 10.39
CA THR B 116 1.14 -1.88 9.69
CA THR B 116 1.13 -1.89 9.71
C THR B 116 1.46 -0.49 9.22
N VAL B 117 2.77 -0.21 9.11
CA VAL B 117 3.26 1.01 8.56
C VAL B 117 4.10 0.67 7.36
N LEU B 118 3.72 1.23 6.21
CA LEU B 118 4.54 1.17 4.99
C LEU B 118 5.35 2.44 4.92
N PHE B 119 6.68 2.30 5.11
CA PHE B 119 7.60 3.43 5.04
C PHE B 119 8.19 3.53 3.64
N ASN B 120 8.15 4.71 3.06
CA ASN B 120 8.72 4.99 1.75
C ASN B 120 9.49 6.25 1.78
N ILE B 121 10.71 6.19 1.25
CA ILE B 121 11.55 7.38 1.14
C ILE B 121 12.17 7.52 -0.24
N ASP B 122 12.18 8.75 -0.72
CA ASP B 122 12.85 9.13 -1.94
C ASP B 122 13.94 10.13 -1.56
N VAL B 123 15.19 9.70 -1.68
CA VAL B 123 16.34 10.50 -1.26
C VAL B 123 17.06 11.06 -2.51
N THR B 124 17.29 12.38 -2.50
CA THR B 124 18.04 13.02 -3.58
C THR B 124 19.22 13.75 -2.98
N GLY B 125 20.34 13.04 -2.93
CA GLY B 125 21.57 13.57 -2.39
C GLY B 125 22.19 14.58 -3.34
N GLU B 126 22.91 15.53 -2.76
CA GLU B 126 23.53 16.62 -3.51
C GLU B 126 24.98 16.33 -3.90
N THR B 127 25.64 15.43 -3.18
CA THR B 127 27.08 15.30 -3.25
C THR B 127 27.55 13.90 -3.55
N ASN B 128 28.38 13.79 -4.58
CA ASN B 128 29.03 12.52 -4.92
C ASN B 128 29.84 12.03 -3.74
N ALA B 129 29.77 10.72 -3.45
CA ALA B 129 30.47 10.14 -2.31
C ALA B 129 30.77 8.67 -2.47
N THR B 130 31.82 8.23 -1.79
CA THR B 130 32.13 6.84 -1.62
C THR B 130 32.09 6.51 -0.12
N GLY B 131 31.38 5.44 0.22
CA GLY B 131 31.23 5.05 1.62
C GLY B 131 29.78 4.90 1.97
N THR B 132 29.48 5.06 3.24
CA THR B 132 28.14 4.82 3.73
C THR B 132 27.61 6.11 4.37
N GLN B 133 26.43 6.56 3.94
CA GLN B 133 25.83 7.78 4.43
C GLN B 133 24.76 7.36 5.43
N THR B 134 24.59 8.12 6.48
CA THR B 134 23.58 7.87 7.50
C THR B 134 22.51 8.95 7.42
N TRP B 135 21.30 8.52 7.06
CA TRP B 135 20.15 9.42 6.96
C TRP B 135 19.24 9.06 8.10
N GLU B 136 19.01 9.99 9.02
CA GLU B 136 18.35 9.65 10.24
C GLU B 136 17.13 10.52 10.48
N LEU B 137 16.02 9.89 10.83
CA LEU B 137 14.78 10.59 11.11
C LEU B 137 14.40 10.34 12.55
N GLN B 138 14.12 11.43 13.26
CA GLN B 138 13.78 11.42 14.66
C GLN B 138 12.31 11.80 14.86
N PHE B 139 11.63 11.08 15.76
CA PHE B 139 10.22 11.28 16.02
C PHE B 139 9.99 11.36 17.52
N ASP B 140 9.22 12.35 17.94
CA ASP B 140 8.88 12.47 19.37
C ASP B 140 8.34 11.16 19.91
N GLY B 141 8.89 10.73 21.02
CA GLY B 141 8.55 9.42 21.60
C GLY B 141 7.15 9.34 22.17
N THR B 142 6.47 10.45 22.43
CA THR B 142 5.06 10.43 22.83
C THR B 142 4.10 10.69 21.66
N LEU B 143 4.37 11.77 20.90
CA LEU B 143 3.48 12.29 19.87
C LEU B 143 3.68 11.62 18.49
N GLY B 144 4.87 11.10 18.27
CA GLY B 144 5.26 10.63 16.94
C GLY B 144 5.65 11.72 15.96
N SER B 145 5.54 12.99 16.34
CA SER B 145 5.84 14.09 15.42
C SER B 145 7.30 14.05 15.01
N CYS B 146 7.57 14.23 13.71
CA CYS B 146 8.95 14.26 13.22
C CYS B 146 9.65 15.51 13.70
N LEU B 147 10.83 15.35 14.28
CA LEU B 147 11.64 16.47 14.81
C LEU B 147 12.76 16.86 13.81
N THR B 148 13.01 16.00 12.84
CA THR B 148 14.08 16.25 11.85
C THR B 148 13.68 17.24 10.76
N GLY B 149 12.40 17.27 10.46
CA GLY B 149 11.82 18.09 9.44
C GLY B 149 10.32 18.03 9.52
N ARG B 150 9.65 18.86 8.72
CA ARG B 150 8.20 18.96 8.75
C ARG B 150 7.51 17.82 8.04
N MET B 151 6.64 17.13 8.79
CA MET B 151 5.70 16.16 8.27
C MET B 151 4.28 16.47 8.76
N GLN B 152 3.31 15.99 8.00
CA GLN B 152 1.89 16.21 8.31
C GLN B 152 1.11 14.95 8.05
N VAL B 153 0.03 14.77 8.80
CA VAL B 153 -0.95 13.77 8.47
C VAL B 153 -1.84 14.39 7.38
N MET B 154 -1.99 13.69 6.26
CA MET B 154 -2.52 14.28 5.07
C MET B 154 -3.68 13.45 4.57
N GLY B 155 -4.86 14.07 4.42
CA GLY B 155 -6.02 13.37 3.90
C GLY B 155 -6.00 13.29 2.40
N GLY B 156 -6.92 12.50 1.84
CA GLY B 156 -7.06 12.41 0.40
C GLY B 156 -7.41 13.68 -0.34
N THR B 157 -8.02 14.64 0.33
CA THR B 157 -8.26 15.97 -0.24
C THR B 157 -7.01 16.81 -0.46
N GLY B 158 -5.89 16.43 0.16
CA GLY B 158 -4.72 17.28 0.22
C GLY B 158 -4.66 18.22 1.40
N GLU B 159 -5.64 18.17 2.30
CA GLU B 159 -5.65 19.00 3.51
C GLU B 159 -4.96 18.28 4.67
N GLU B 160 -4.22 19.02 5.49
CA GLU B 160 -3.66 18.45 6.70
C GLU B 160 -4.78 18.07 7.68
N LEU B 161 -4.62 16.93 8.36
CA LEU B 161 -5.52 16.47 9.39
C LEU B 161 -4.91 16.73 10.77
N ASP B 162 -5.74 17.20 11.70
CA ASP B 162 -5.22 17.53 13.04
C ASP B 162 -5.31 16.31 13.90
N VAL B 163 -4.34 15.41 13.69
CA VAL B 163 -4.33 14.08 14.26
C VAL B 163 -2.92 13.80 14.79
N THR B 164 -2.79 13.47 16.07
CA THR B 164 -1.45 13.19 16.62
C THR B 164 -0.86 11.97 15.90
N PRO B 165 0.39 12.07 15.36
CA PRO B 165 0.93 10.93 14.60
C PRO B 165 1.48 9.78 15.43
N THR B 166 0.77 9.35 16.45
CA THR B 166 1.27 8.28 17.31
C THR B 166 1.25 6.95 16.56
N PHE B 167 0.41 6.86 15.52
CA PHE B 167 0.24 5.65 14.70
C PHE B 167 1.51 5.19 13.95
N ILE B 168 2.55 6.02 13.90
CA ILE B 168 3.86 5.60 13.33
C ILE B 168 4.82 5.00 14.38
N LEU B 169 4.52 5.13 15.67
CA LEU B 169 5.40 4.63 16.68
C LEU B 169 5.27 3.09 16.78
N PRO B 170 6.41 2.40 16.87
CA PRO B 170 6.30 0.93 16.86
C PRO B 170 5.69 0.34 18.14
N THR B 171 6.00 0.92 19.30
CA THR B 171 5.50 0.49 20.60
C THR B 171 5.21 1.68 21.53
N SER B 172 4.34 1.47 22.50
CA SER B 172 4.14 2.45 23.58
C SER B 172 5.27 2.41 24.61
N ASP B 173 5.98 1.27 24.71
CA ASP B 173 7.04 1.06 25.72
C ASP B 173 8.52 1.19 25.26
N LYS B 174 8.77 1.64 24.04
CA LYS B 174 10.16 1.89 23.54
C LYS B 174 11.10 0.65 23.42
N SER B 175 10.54 -0.54 23.17
CA SER B 175 11.32 -1.79 23.16
C SER B 175 11.48 -2.43 21.76
N VAL B 176 11.47 -1.62 20.71
CA VAL B 176 11.46 -2.10 19.33
C VAL B 176 12.77 -2.78 18.89
N TYR B 177 12.62 -3.79 18.04
CA TYR B 177 13.74 -4.37 17.28
C TYR B 177 13.25 -4.50 15.86
N LYS B 178 13.90 -3.77 14.95
CA LYS B 178 13.58 -3.95 13.57
C LYS B 178 14.76 -3.45 12.79
N GLN B 179 15.34 -4.33 12.00
CA GLN B 179 16.36 -3.91 11.10
C GLN B 179 16.54 -4.84 9.93
N GLY B 180 17.17 -4.35 8.88
CA GLY B 180 17.31 -5.14 7.66
C GLY B 180 17.95 -4.29 6.60
N PHE B 181 17.96 -4.77 5.37
CA PHE B 181 18.51 -4.06 4.22
C PHE B 181 17.56 -4.20 3.06
N MET B 182 17.52 -3.18 2.22
CA MET B 182 16.81 -3.27 0.93
C MET B 182 17.81 -3.04 -0.19
N PRO B 183 17.60 -3.70 -1.33
CA PRO B 183 18.35 -3.32 -2.52
C PRO B 183 17.88 -1.95 -3.03
N ILE B 184 18.81 -1.13 -3.49
CA ILE B 184 18.51 0.14 -4.11
C ILE B 184 19.32 0.31 -5.40
N VAL B 185 18.86 1.22 -6.25
CA VAL B 185 19.60 1.58 -7.45
C VAL B 185 19.78 3.10 -7.46
N CYS B 186 21.03 3.56 -7.45
CA CYS B 186 21.35 4.98 -7.51
C CYS B 186 21.39 5.39 -8.98
N SER B 187 20.91 6.59 -9.27
CA SER B 187 20.88 7.09 -10.64
C SER B 187 21.01 8.59 -10.58
N GLU B 188 21.19 9.22 -11.74
CA GLU B 188 21.18 10.68 -11.81
C GLU B 188 20.73 11.08 -13.20
N ASN B 189 19.76 12.00 -13.26
CA ASN B 189 19.22 12.54 -14.53
CA ASN B 189 19.22 12.54 -14.54
C ASN B 189 18.78 11.42 -15.48
N GLY B 190 18.14 10.39 -14.95
CA GLY B 190 17.64 9.27 -15.75
C GLY B 190 18.69 8.24 -16.15
N GLU B 191 19.92 8.36 -15.63
CA GLU B 191 21.00 7.47 -16.03
C GLU B 191 21.38 6.59 -14.85
N PHE B 192 21.47 5.31 -15.09
CA PHE B 192 21.89 4.34 -14.10
C PHE B 192 23.29 4.67 -13.62
N LYS B 193 23.49 4.61 -12.31
CA LYS B 193 24.84 4.80 -11.69
C LYS B 193 25.35 3.56 -10.95
N GLN B 194 24.53 2.96 -10.08
CA GLN B 194 25.03 1.85 -9.26
C GLN B 194 23.88 1.03 -8.65
N SER B 195 24.01 -0.29 -8.71
CA SER B 195 23.14 -1.18 -7.95
C SER B 195 23.81 -1.42 -6.62
N THR B 196 23.10 -1.16 -5.54
CA THR B 196 23.69 -1.25 -4.21
C THR B 196 22.59 -1.59 -3.19
N TYR B 197 22.77 -1.14 -1.95
CA TYR B 197 21.90 -1.47 -0.84
C TYR B 197 21.84 -0.37 0.21
N CYS B 198 20.78 -0.41 1.02
CA CYS B 198 20.55 0.53 2.09
C CYS B 198 20.00 -0.23 3.30
N SER B 199 20.58 -0.02 4.47
CA SER B 199 20.05 -0.62 5.69
C SER B 199 18.95 0.27 6.22
N TYR B 200 18.07 -0.33 7.02
CA TYR B 200 17.11 0.41 7.85
C TYR B 200 17.15 -0.17 9.25
N ALA B 201 16.94 0.68 10.25
CA ALA B 201 16.90 0.26 11.65
C ALA B 201 15.97 1.13 12.42
N LEU B 202 15.17 0.50 13.26
CA LEU B 202 14.22 1.19 14.14
C LEU B 202 14.74 1.08 15.56
N THR B 203 14.99 2.23 16.18
CA THR B 203 15.50 2.25 17.57
C THR B 203 14.90 3.41 18.36
N TYR B 204 15.15 3.43 19.69
CA TYR B 204 14.91 4.62 20.50
C TYR B 204 16.22 5.13 21.06
N ARG B 205 16.37 6.45 21.12
CA ARG B 205 17.53 7.06 21.71
C ARG B 205 17.12 8.29 22.47
N LEU B 206 17.53 8.37 23.75
CA LEU B 206 17.15 9.46 24.62
C LEU B 206 15.64 9.68 24.63
N GLY B 207 14.89 8.58 24.59
CA GLY B 207 13.44 8.63 24.61
C GLY B 207 12.68 8.85 23.33
N ASN B 208 13.38 9.18 22.23
CA ASN B 208 12.73 9.44 20.94
C ASN B 208 12.93 8.30 19.95
N PHE B 209 12.01 8.18 18.99
CA PHE B 209 12.00 7.08 18.01
C PHE B 209 12.80 7.49 16.79
N TYR B 210 13.70 6.60 16.35
CA TYR B 210 14.56 6.83 15.18
C TYR B 210 14.32 5.79 14.13
N ILE B 211 14.25 6.25 12.88
CA ILE B 211 14.40 5.42 11.70
C ILE B 211 15.72 5.85 11.09
N THR B 212 16.67 4.94 11.05
CA THR B 212 18.00 5.24 10.58
C THR B 212 18.25 4.44 9.32
N LEU B 213 18.65 5.14 8.26
CA LEU B 213 18.90 4.53 6.96
C LEU B 213 20.36 4.73 6.62
N LYS B 214 21.03 3.68 6.15
CA LYS B 214 22.43 3.83 5.74
C LYS B 214 22.65 3.29 4.33
N SER B 215 22.88 4.20 3.40
CA SER B 215 23.10 3.87 1.99
C SER B 215 24.57 3.72 1.75
N THR B 216 24.93 2.76 0.91
CA THR B 216 26.34 2.51 0.54
C THR B 216 26.52 2.87 -0.94
N THR B 217 27.38 3.86 -1.22
CA THR B 217 27.63 4.30 -2.61
C THR B 217 29.14 4.24 -2.90
N SER B 218 29.52 4.24 -4.18
CA SER B 218 30.95 4.13 -4.58
C SER B 218 31.37 5.17 -5.61
N GLY B 219 30.90 6.40 -5.41
CA GLY B 219 31.28 7.53 -6.23
C GLY B 219 30.11 8.39 -6.65
N CYS B 220 28.91 7.81 -6.65
CA CYS B 220 27.74 8.50 -7.15
C CYS B 220 27.10 9.31 -6.04
N LYS B 221 26.17 10.15 -6.45
CA LYS B 221 25.29 10.83 -5.51
C LYS B 221 24.29 9.81 -4.98
N PRO B 222 24.00 9.87 -3.69
CA PRO B 222 22.97 8.97 -3.12
C PRO B 222 21.57 9.46 -3.53
N ILE B 223 21.05 8.90 -4.62
CA ILE B 223 19.78 9.29 -5.19
C ILE B 223 19.05 7.98 -5.46
N PHE B 224 18.07 7.67 -4.61
CA PHE B 224 17.37 6.37 -4.65
C PHE B 224 16.02 6.46 -3.93
N GLN B 225 15.16 5.47 -4.20
CA GLN B 225 13.91 5.30 -3.45
C GLN B 225 13.93 3.92 -2.81
N MET B 226 13.47 3.82 -1.57
CA MET B 226 13.27 2.52 -0.97
CA MET B 226 13.32 2.53 -0.92
C MET B 226 12.10 2.52 0.00
N SER B 227 11.62 1.32 0.31
CA SER B 227 10.50 1.15 1.21
C SER B 227 10.65 -0.09 2.02
N PHE B 228 10.07 -0.10 3.23
CA PHE B 228 9.92 -1.30 4.00
C PHE B 228 8.70 -1.16 4.88
N MET B 229 8.27 -2.27 5.45
CA MET B 229 7.10 -2.30 6.33
C MET B 229 7.51 -2.67 7.72
N TYR B 230 6.84 -2.10 8.71
CA TYR B 230 6.98 -2.52 10.08
C TYR B 230 5.62 -2.48 10.75
N GLU B 231 5.50 -3.10 11.91
CA GLU B 231 4.23 -3.11 12.67
C GLU B 231 4.24 -2.08 13.79
N SER B 232 3.10 -1.45 14.00
CA SER B 232 2.89 -0.59 15.14
C SER B 232 1.96 -1.28 16.13
N GLN B 233 2.35 -1.35 17.39
CA GLN B 233 1.45 -1.88 18.42
C GLN B 233 0.54 -0.79 18.97
N ILE B 234 0.57 0.42 18.42
CA ILE B 234 -0.29 1.49 18.88
C ILE B 234 -1.57 1.42 18.06
N GLY B 235 -2.66 1.10 18.74
CA GLY B 235 -3.98 1.09 18.10
C GLY B 235 -4.50 2.48 17.86
N ILE B 236 -5.34 2.60 16.83
CA ILE B 236 -6.06 3.84 16.56
C ILE B 236 -7.45 3.65 17.19
N VAL B 237 -7.77 4.39 18.23
CA VAL B 237 -9.11 4.32 18.84
C VAL B 237 -9.83 5.67 18.77
N SER C 44 -41.79 18.64 11.11
CA SER C 44 -41.28 19.30 12.36
C SER C 44 -39.74 19.38 12.42
N PHE C 45 -39.06 18.25 12.15
CA PHE C 45 -37.58 18.15 12.19
C PHE C 45 -36.86 18.66 10.93
N PHE C 46 -35.60 19.08 11.11
CA PHE C 46 -34.69 19.37 9.99
C PHE C 46 -33.60 18.29 9.98
N THR C 47 -32.87 18.20 8.88
CA THR C 47 -31.76 17.24 8.73
C THR C 47 -30.53 18.00 8.31
N ALA C 48 -29.37 17.68 8.91
CA ALA C 48 -28.12 18.28 8.49
C ALA C 48 -27.38 17.29 7.61
N ALA C 49 -26.80 17.78 6.51
CA ALA C 49 -25.99 16.95 5.62
C ALA C 49 -24.93 16.23 6.48
N PRO C 50 -24.73 14.92 6.22
CA PRO C 50 -25.21 14.11 5.09
C PRO C 50 -26.60 13.49 5.21
N LEU C 51 -27.36 13.79 6.27
CA LEU C 51 -28.79 13.36 6.27
C LEU C 51 -29.62 14.33 5.43
N SER C 52 -30.63 13.79 4.71
CA SER C 52 -31.52 14.62 3.91
C SER C 52 -32.94 14.09 4.04
N TYR C 53 -33.91 14.99 3.81
CA TYR C 53 -35.31 14.65 3.90
C TYR C 53 -35.96 14.98 2.57
N ASN C 54 -36.67 14.01 2.00
CA ASN C 54 -37.37 14.17 0.72
C ASN C 54 -38.84 14.46 1.05
N THR C 55 -39.33 15.68 0.80
CA THR C 55 -40.72 16.01 1.15
C THR C 55 -41.73 15.35 0.20
N GLY C 56 -41.30 14.93 -0.99
CA GLY C 56 -42.18 14.26 -1.94
C GLY C 56 -42.56 12.85 -1.55
N ASN C 57 -41.74 12.19 -0.73
CA ASN C 57 -42.06 10.84 -0.25
C ASN C 57 -41.86 10.62 1.29
N SER C 58 -41.71 11.72 2.03
CA SER C 58 -41.60 11.73 3.50
C SER C 58 -40.46 10.82 4.03
N THR C 59 -39.35 10.76 3.31
CA THR C 59 -38.28 9.80 3.64
C THR C 59 -36.98 10.53 4.01
N ILE C 60 -36.45 10.14 5.17
CA ILE C 60 -35.10 10.53 5.63
CA ILE C 60 -35.10 10.55 5.60
C ILE C 60 -34.09 9.55 5.04
N SER C 61 -33.02 10.08 4.43
CA SER C 61 -31.96 9.25 3.88
C SER C 61 -30.60 9.75 4.37
N LEU C 62 -29.61 8.88 4.21
CA LEU C 62 -28.19 9.23 4.37
C LEU C 62 -27.63 9.33 2.95
N ASP C 63 -27.16 10.50 2.57
CA ASP C 63 -26.49 10.67 1.29
C ASP C 63 -25.02 10.26 1.44
N TYR C 64 -24.51 9.50 0.48
CA TYR C 64 -23.11 9.05 0.55
C TYR C 64 -22.53 8.95 -0.85
N ARG C 65 -21.20 8.94 -0.94
CA ARG C 65 -20.49 8.88 -2.23
C ARG C 65 -20.26 7.42 -2.59
N SER C 66 -20.93 6.92 -3.64
CA SER C 66 -20.95 5.47 -3.94
C SER C 66 -19.57 4.85 -4.29
N PRO C 67 -18.64 5.62 -4.86
CA PRO C 67 -17.29 5.09 -5.04
C PRO C 67 -16.51 4.84 -3.73
N GLN C 68 -17.00 5.36 -2.61
CA GLN C 68 -16.34 5.23 -1.31
C GLN C 68 -17.12 4.43 -0.29
N LEU C 69 -18.46 4.62 -0.31
CA LEU C 69 -19.35 3.96 0.64
C LEU C 69 -20.49 3.31 -0.14
N ARG C 70 -21.10 2.32 0.50
CA ARG C 70 -22.19 1.56 -0.14
C ARG C 70 -23.09 0.96 0.91
N VAL C 71 -24.20 0.37 0.45
CA VAL C 71 -25.15 -0.27 1.36
C VAL C 71 -25.19 -1.75 1.03
N SER C 72 -24.98 -2.56 2.05
CA SER C 72 -24.90 -4.01 1.88
C SER C 72 -25.80 -4.67 2.92
N GLY C 73 -26.84 -5.37 2.47
CA GLY C 73 -27.79 -6.01 3.41
C GLY C 73 -28.38 -5.01 4.38
N GLY C 74 -28.66 -3.83 3.86
CA GLY C 74 -29.28 -2.75 4.61
C GLY C 74 -28.33 -1.93 5.50
N ALA C 75 -27.02 -2.24 5.47
CA ALA C 75 -26.06 -1.62 6.38
C ALA C 75 -25.01 -0.86 5.57
N LEU C 76 -24.57 0.25 6.13
CA LEU C 76 -23.53 1.03 5.52
C LEU C 76 -22.19 0.26 5.57
N ALA C 77 -21.46 0.28 4.46
CA ALA C 77 -20.13 -0.33 4.35
C ALA C 77 -19.24 0.51 3.48
N LEU C 78 -17.96 0.13 3.39
CA LEU C 78 -17.05 0.76 2.46
C LEU C 78 -17.01 0.03 1.14
N THR C 79 -16.77 0.79 0.09
CA THR C 79 -16.56 0.23 -1.23
C THR C 79 -15.20 -0.48 -1.31
N SER C 80 -14.18 0.12 -0.71
CA SER C 80 -12.82 -0.46 -0.75
C SER C 80 -12.18 -0.50 0.62
N PRO C 81 -12.72 -1.36 1.54
CA PRO C 81 -12.19 -1.39 2.90
C PRO C 81 -10.77 -1.92 2.94
N VAL C 82 -10.00 -1.48 3.91
CA VAL C 82 -8.70 -2.09 4.14
C VAL C 82 -8.88 -3.25 5.12
N PHE C 83 -8.38 -4.43 4.75
CA PHE C 83 -8.27 -5.52 5.70
C PHE C 83 -6.85 -6.06 5.67
N VAL C 84 -6.37 -6.46 6.84
CA VAL C 84 -5.04 -7.05 6.97
C VAL C 84 -5.14 -8.44 7.60
N TYR C 85 -4.61 -9.44 6.92
CA TYR C 85 -4.45 -10.77 7.49
C TYR C 85 -2.98 -10.94 7.83
N GLN C 86 -2.67 -11.19 9.09
CA GLN C 86 -1.31 -11.17 9.56
C GLN C 86 -0.99 -12.15 10.65
N THR C 87 0.31 -12.40 10.83
CA THR C 87 0.79 -13.09 12.04
C THR C 87 0.58 -12.15 13.25
N PRO C 88 0.22 -12.71 14.42
CA PRO C 88 0.07 -11.81 15.58
C PRO C 88 1.39 -11.18 16.04
N PHE C 89 1.32 -9.98 16.60
CA PHE C 89 2.49 -9.32 17.17
C PHE C 89 3.19 -10.27 18.10
N ASN C 90 4.51 -10.39 17.92
CA ASN C 90 5.35 -11.27 18.75
C ASN C 90 4.95 -12.75 18.72
N THR C 91 4.28 -13.17 17.64
CA THR C 91 3.95 -14.56 17.39
C THR C 91 4.27 -14.83 15.91
N PRO C 92 5.55 -14.72 15.54
CA PRO C 92 5.92 -15.04 14.17
C PRO C 92 5.66 -16.52 13.90
N MET C 93 5.44 -16.84 12.64
CA MET C 93 5.18 -18.22 12.27
C MET C 93 6.48 -18.99 12.10
N ARG C 94 6.52 -20.21 12.65
CA ARG C 94 7.67 -21.09 12.47
C ARG C 94 7.48 -21.82 11.16
N LEU C 95 8.42 -21.63 10.23
CA LEU C 95 8.39 -22.29 8.92
C LEU C 95 9.58 -23.22 8.75
N ARG C 96 9.33 -24.35 8.12
CA ARG C 96 10.37 -25.32 7.86
C ARG C 96 10.78 -25.30 6.39
N ASN C 97 12.08 -25.47 6.14
CA ASN C 97 12.60 -25.64 4.77
C ASN C 97 12.37 -27.11 4.37
N GLY C 98 11.17 -27.37 3.85
CA GLY C 98 10.78 -28.72 3.41
C GLY C 98 10.88 -29.71 4.52
N THR C 99 11.71 -30.76 4.34
CA THR C 99 11.95 -31.75 5.37
C THR C 99 13.40 -31.70 5.90
N TYR C 100 14.13 -30.64 5.58
CA TYR C 100 15.41 -30.38 6.25
C TYR C 100 15.14 -29.96 7.68
N ASN C 101 16.15 -30.10 8.55
CA ASN C 101 16.04 -29.63 9.94
C ASN C 101 16.46 -28.16 10.00
N GLU C 102 15.72 -27.33 9.28
CA GLU C 102 16.08 -25.94 9.09
C GLU C 102 14.78 -25.17 9.14
N TYR C 103 14.75 -24.13 9.95
CA TYR C 103 13.54 -23.42 10.28
C TYR C 103 13.81 -21.92 10.22
N ALA C 104 12.74 -21.15 10.05
CA ALA C 104 12.83 -19.71 10.16
C ALA C 104 11.56 -19.24 10.84
N ASP C 105 11.64 -18.06 11.44
CA ASP C 105 10.48 -17.34 11.97
C ASP C 105 10.07 -16.24 11.02
N ALA C 106 8.77 -16.11 10.75
CA ALA C 106 8.28 -15.17 9.76
C ALA C 106 7.14 -14.33 10.31
N HIS C 107 7.29 -13.01 10.26
CA HIS C 107 6.16 -12.09 10.38
C HIS C 107 5.60 -11.82 9.01
N ILE C 108 4.31 -11.96 8.86
CA ILE C 108 3.64 -11.94 7.57
C ILE C 108 2.48 -10.96 7.66
N GLN C 109 2.38 -10.03 6.71
CA GLN C 109 1.16 -9.23 6.55
C GLN C 109 0.64 -9.31 5.14
N MET C 110 -0.66 -9.44 5.00
CA MET C 110 -1.32 -9.54 3.73
C MET C 110 -2.38 -8.44 3.75
N VAL C 111 -2.10 -7.35 3.04
CA VAL C 111 -2.94 -6.16 3.09
C VAL C 111 -3.79 -6.07 1.87
N ARG C 112 -5.10 -6.02 2.05
CA ARG C 112 -6.00 -6.00 0.95
C ARG C 112 -6.48 -4.56 0.73
N PHE C 113 -6.20 -4.01 -0.45
CA PHE C 113 -6.83 -2.74 -0.86
C PHE C 113 -7.37 -2.77 -2.26
N GLY C 114 -8.61 -2.30 -2.39
CA GLY C 114 -9.39 -2.54 -3.56
C GLY C 114 -9.40 -4.04 -3.73
N THR C 115 -9.05 -4.53 -4.92
CA THR C 115 -8.91 -5.98 -5.16
C THR C 115 -7.46 -6.47 -5.20
N THR C 116 -6.54 -5.67 -4.72
CA THR C 116 -5.13 -6.07 -4.70
CA THR C 116 -5.13 -6.02 -4.69
C THR C 116 -4.72 -6.48 -3.30
N VAL C 117 -3.78 -7.42 -3.23
CA VAL C 117 -3.22 -7.84 -1.98
C VAL C 117 -1.74 -7.51 -2.01
N LEU C 118 -1.30 -6.74 -1.03
CA LEU C 118 0.11 -6.52 -0.79
C LEU C 118 0.60 -7.54 0.21
N PHE C 119 1.48 -8.46 -0.24
CA PHE C 119 2.09 -9.45 0.63
C PHE C 119 3.46 -9.01 1.12
N ASN C 120 3.66 -9.08 2.42
CA ASN C 120 4.94 -8.76 3.05
C ASN C 120 5.37 -9.84 3.99
N ILE C 121 6.63 -10.24 3.88
CA ILE C 121 7.19 -11.20 4.80
C ILE C 121 8.56 -10.76 5.33
N ASP C 122 8.76 -10.95 6.64
CA ASP C 122 10.03 -10.66 7.30
C ASP C 122 10.48 -11.98 7.89
N VAL C 123 11.58 -12.51 7.33
CA VAL C 123 12.09 -13.85 7.60
C VAL C 123 13.36 -13.73 8.45
N THR C 124 13.46 -14.54 9.51
CA THR C 124 14.69 -14.66 10.28
C THR C 124 15.00 -16.15 10.43
N GLY C 125 15.95 -16.60 9.64
CA GLY C 125 16.40 -17.97 9.69
C GLY C 125 17.55 -18.11 10.65
N GLU C 126 17.79 -19.37 10.98
CA GLU C 126 18.70 -19.75 12.05
C GLU C 126 19.99 -20.32 11.51
N THR C 127 19.87 -21.07 10.42
CA THR C 127 20.94 -21.90 9.95
C THR C 127 21.50 -21.20 8.74
N ASN C 128 22.83 -20.98 8.74
CA ASN C 128 23.52 -20.54 7.53
C ASN C 128 23.15 -21.55 6.44
N ALA C 129 22.37 -21.09 5.48
CA ALA C 129 21.77 -21.96 4.47
C ALA C 129 22.81 -22.46 3.48
N THR C 130 22.45 -23.55 2.80
CA THR C 130 23.24 -24.15 1.73
C THR C 130 22.38 -24.29 0.45
N GLY C 131 22.46 -23.25 -0.39
CA GLY C 131 21.82 -23.24 -1.71
C GLY C 131 20.51 -22.46 -1.81
N THR C 132 19.40 -23.12 -1.55
CA THR C 132 18.08 -22.52 -1.72
C THR C 132 17.16 -23.10 -0.65
N GLN C 133 16.32 -22.26 -0.07
CA GLN C 133 15.40 -22.73 0.96
CA GLN C 133 15.42 -22.67 0.99
C GLN C 133 14.01 -22.37 0.50
N THR C 134 13.07 -23.28 0.78
CA THR C 134 11.71 -23.13 0.34
C THR C 134 10.82 -22.96 1.55
N TRP C 135 10.09 -21.82 1.58
CA TRP C 135 9.18 -21.45 2.64
C TRP C 135 7.77 -21.41 2.04
N GLU C 136 6.87 -22.21 2.58
CA GLU C 136 5.56 -22.37 1.95
C GLU C 136 4.46 -22.14 2.95
N LEU C 137 3.48 -21.33 2.54
CA LEU C 137 2.30 -21.01 3.33
C LEU C 137 1.10 -21.61 2.63
N GLN C 138 0.25 -22.26 3.41
CA GLN C 138 -0.94 -22.90 2.90
C GLN C 138 -2.18 -22.24 3.49
N PHE C 139 -3.16 -22.01 2.65
CA PHE C 139 -4.44 -21.42 3.01
C PHE C 139 -5.59 -22.25 2.55
N ASP C 140 -6.60 -22.45 3.41
CA ASP C 140 -7.81 -23.17 2.99
C ASP C 140 -8.42 -22.51 1.77
N GLY C 141 -8.72 -23.29 0.73
CA GLY C 141 -9.20 -22.74 -0.52
C GLY C 141 -10.62 -22.22 -0.52
N THR C 142 -11.38 -22.52 0.53
CA THR C 142 -12.76 -21.97 0.70
C THR C 142 -12.84 -20.78 1.62
N LEU C 143 -12.18 -20.85 2.76
CA LEU C 143 -12.27 -19.83 3.77
C LEU C 143 -11.07 -18.92 3.83
N GLY C 144 -9.94 -19.29 3.17
CA GLY C 144 -8.73 -18.48 3.21
C GLY C 144 -7.84 -18.65 4.42
N SER C 145 -8.31 -19.36 5.46
CA SER C 145 -7.56 -19.45 6.69
C SER C 145 -6.20 -20.11 6.53
N CYS C 146 -5.18 -19.53 7.16
CA CYS C 146 -3.83 -20.07 7.09
C CYS C 146 -3.76 -21.36 7.89
N LEU C 147 -3.29 -22.42 7.26
CA LEU C 147 -3.23 -23.75 7.87
C LEU C 147 -1.82 -24.09 8.36
N THR C 148 -0.86 -23.27 7.99
CA THR C 148 0.56 -23.49 8.29
C THR C 148 0.90 -23.00 9.67
N GLY C 149 0.16 -21.99 10.13
CA GLY C 149 0.36 -21.39 11.44
C GLY C 149 -0.68 -20.32 11.68
N ARG C 150 -0.52 -19.61 12.78
CA ARG C 150 -1.57 -18.75 13.25
C ARG C 150 -1.52 -17.38 12.55
N MET C 151 -2.62 -17.02 11.89
CA MET C 151 -2.82 -15.67 11.34
C MET C 151 -4.22 -15.18 11.77
N GLN C 152 -4.41 -13.87 11.76
CA GLN C 152 -5.65 -13.25 12.23
C GLN C 152 -5.89 -11.98 11.43
N VAL C 153 -7.15 -11.62 11.29
CA VAL C 153 -7.54 -10.38 10.64
C VAL C 153 -7.50 -9.33 11.75
N MET C 154 -6.72 -8.27 11.54
CA MET C 154 -6.40 -7.30 12.60
C MET C 154 -6.85 -5.93 12.17
N GLY C 155 -7.72 -5.30 12.97
CA GLY C 155 -8.16 -3.95 12.69
C GLY C 155 -7.12 -2.92 13.07
N GLY C 156 -7.33 -1.70 12.57
CA GLY C 156 -6.51 -0.55 12.93
C GLY C 156 -6.55 -0.23 14.40
N THR C 157 -7.65 -0.65 15.04
CA THR C 157 -7.85 -0.57 16.49
C THR C 157 -6.84 -1.38 17.32
N GLY C 158 -6.15 -2.32 16.69
CA GLY C 158 -5.29 -3.26 17.37
C GLY C 158 -6.05 -4.50 17.83
N GLU C 159 -7.33 -4.65 17.44
CA GLU C 159 -8.16 -5.81 17.85
C GLU C 159 -8.42 -6.74 16.70
N GLU C 160 -8.49 -8.03 16.99
CA GLU C 160 -8.83 -9.01 15.99
C GLU C 160 -10.27 -8.84 15.54
N LEU C 161 -10.50 -9.00 14.24
CA LEU C 161 -11.80 -8.85 13.61
C LEU C 161 -12.34 -10.22 13.21
N ASP C 162 -13.65 -10.39 13.36
CA ASP C 162 -14.31 -11.66 13.08
C ASP C 162 -14.75 -11.65 11.62
N VAL C 163 -13.78 -11.79 10.72
CA VAL C 163 -14.01 -11.77 9.29
C VAL C 163 -13.29 -12.97 8.78
N THR C 164 -13.93 -13.74 7.94
CA THR C 164 -13.31 -14.90 7.33
C THR C 164 -12.33 -14.34 6.28
N PRO C 165 -11.08 -14.85 6.23
CA PRO C 165 -10.07 -14.22 5.34
C PRO C 165 -10.12 -14.66 3.87
N THR C 166 -11.31 -14.74 3.27
CA THR C 166 -11.43 -15.13 1.87
C THR C 166 -10.78 -14.08 0.94
N PHE C 167 -10.62 -12.85 1.44
CA PHE C 167 -10.11 -11.73 0.65
C PHE C 167 -8.64 -11.88 0.21
N ILE C 168 -7.89 -12.84 0.76
CA ILE C 168 -6.53 -13.16 0.31
C ILE C 168 -6.51 -14.18 -0.83
N LEU C 169 -7.64 -14.85 -1.12
CA LEU C 169 -7.68 -15.87 -2.15
C LEU C 169 -7.67 -15.22 -3.53
N PRO C 170 -6.84 -15.76 -4.46
CA PRO C 170 -6.86 -15.28 -5.84
C PRO C 170 -8.21 -15.37 -6.57
N THR C 171 -8.89 -16.51 -6.48
CA THR C 171 -10.21 -16.74 -7.10
C THR C 171 -11.02 -17.76 -6.30
N SER C 172 -12.37 -17.69 -6.37
CA SER C 172 -13.24 -18.78 -5.89
C SER C 172 -13.16 -20.04 -6.79
N ASP C 173 -12.73 -19.83 -8.03
CA ASP C 173 -12.40 -20.88 -9.00
C ASP C 173 -11.29 -21.89 -8.57
N LYS C 174 -10.50 -21.53 -7.58
CA LYS C 174 -9.36 -22.36 -7.12
C LYS C 174 -8.35 -22.62 -8.25
N SER C 175 -8.09 -21.57 -9.02
CA SER C 175 -7.06 -21.54 -10.04
C SER C 175 -6.33 -20.22 -9.92
N VAL C 176 -5.03 -20.25 -10.18
CA VAL C 176 -4.22 -19.03 -10.24
C VAL C 176 -2.88 -19.29 -10.97
N TYR C 177 -2.44 -18.31 -11.74
CA TYR C 177 -1.09 -18.28 -12.29
C TYR C 177 -0.47 -16.96 -11.88
N LYS C 178 0.55 -17.01 -11.03
CA LYS C 178 1.21 -15.78 -10.64
C LYS C 178 2.56 -16.20 -10.08
N GLN C 179 3.64 -15.77 -10.75
CA GLN C 179 4.95 -16.04 -10.21
C GLN C 179 5.96 -15.00 -10.60
N GLY C 180 7.03 -14.93 -9.82
CA GLY C 180 8.03 -13.94 -10.11
C GLY C 180 9.16 -14.03 -9.10
N PHE C 181 10.03 -13.02 -9.15
CA PHE C 181 11.18 -12.91 -8.25
C PHE C 181 11.29 -11.48 -7.77
N MET C 182 11.72 -11.32 -6.52
CA MET C 182 12.10 -10.05 -5.99
C MET C 182 13.57 -10.06 -5.55
N PRO C 183 14.23 -8.92 -5.73
CA PRO C 183 15.56 -8.77 -5.18
C PRO C 183 15.47 -8.62 -3.65
N ILE C 184 16.35 -9.30 -2.92
CA ILE C 184 16.43 -9.18 -1.48
C ILE C 184 17.88 -8.96 -1.07
N VAL C 185 18.04 -8.43 0.14
CA VAL C 185 19.38 -8.32 0.79
C VAL C 185 19.35 -9.04 2.11
N CYS C 186 20.22 -10.06 2.25
CA CYS C 186 20.41 -10.78 3.49
C CYS C 186 21.42 -10.00 4.34
N SER C 187 21.14 -9.93 5.64
CA SER C 187 22.00 -9.25 6.60
C SER C 187 21.95 -9.95 7.93
N GLU C 188 22.79 -9.52 8.85
CA GLU C 188 22.73 -10.06 10.20
C GLU C 188 23.30 -9.01 11.14
N ASN C 189 22.52 -8.69 12.17
CA ASN C 189 22.87 -7.69 13.18
C ASN C 189 23.42 -6.39 12.56
N GLY C 190 22.73 -5.86 11.55
CA GLY C 190 23.14 -4.60 10.92
C GLY C 190 24.23 -4.65 9.86
N GLU C 191 24.74 -5.84 9.56
CA GLU C 191 25.84 -6.03 8.62
C GLU C 191 25.35 -6.68 7.34
N PHE C 192 25.68 -6.08 6.20
CA PHE C 192 25.39 -6.61 4.89
C PHE C 192 26.01 -8.00 4.72
N LYS C 193 25.26 -8.97 4.20
CA LYS C 193 25.80 -10.30 3.91
C LYS C 193 25.76 -10.59 2.43
N GLN C 194 24.58 -10.49 1.80
CA GLN C 194 24.47 -10.81 0.41
C GLN C 194 23.29 -10.11 -0.27
N SER C 195 23.54 -9.66 -1.50
CA SER C 195 22.49 -9.15 -2.38
C SER C 195 22.07 -10.28 -3.32
N THR C 196 20.81 -10.67 -3.24
CA THR C 196 20.36 -11.88 -3.89
C THR C 196 18.85 -11.75 -4.26
N TYR C 197 18.17 -12.89 -4.34
CA TYR C 197 16.80 -12.93 -4.82
C TYR C 197 15.96 -14.00 -4.12
N CYS C 198 14.63 -13.77 -4.15
CA CYS C 198 13.63 -14.67 -3.59
C CYS C 198 12.51 -14.84 -4.65
N SER C 199 12.19 -16.06 -5.03
CA SER C 199 11.08 -16.31 -5.93
C SER C 199 9.78 -16.31 -5.11
N TYR C 200 8.67 -16.01 -5.76
CA TYR C 200 7.37 -16.23 -5.17
C TYR C 200 6.51 -16.88 -6.21
N ALA C 201 5.59 -17.71 -5.77
CA ALA C 201 4.67 -18.38 -6.69
C ALA C 201 3.35 -18.60 -5.96
N LEU C 202 2.24 -18.29 -6.64
CA LEU C 202 0.90 -18.53 -6.18
C LEU C 202 0.30 -19.72 -6.93
N THR C 203 -0.15 -20.75 -6.20
CA THR C 203 -0.63 -21.98 -6.83
C THR C 203 -1.78 -22.57 -5.97
N TYR C 204 -2.50 -23.54 -6.52
CA TYR C 204 -3.38 -24.39 -5.73
C TYR C 204 -2.97 -25.83 -5.82
N ARG C 205 -2.97 -26.53 -4.71
CA ARG C 205 -2.80 -27.97 -4.71
C ARG C 205 -3.89 -28.57 -3.88
N LEU C 206 -4.58 -29.59 -4.42
CA LEU C 206 -5.70 -30.24 -3.74
C LEU C 206 -6.77 -29.25 -3.24
N GLY C 207 -6.98 -28.18 -4.00
CA GLY C 207 -8.01 -27.20 -3.68
C GLY C 207 -7.58 -26.14 -2.67
N ASN C 208 -6.36 -26.23 -2.13
CA ASN C 208 -5.84 -25.21 -1.20
C ASN C 208 -4.86 -24.25 -1.89
N PHE C 209 -4.83 -23.00 -1.42
CA PHE C 209 -4.03 -21.93 -1.97
C PHE C 209 -2.68 -21.91 -1.26
N TYR C 210 -1.61 -21.87 -2.05
CA TYR C 210 -0.23 -21.85 -1.57
C TYR C 210 0.52 -20.63 -2.06
N ILE C 211 1.22 -19.99 -1.14
CA ILE C 211 2.26 -19.01 -1.46
C ILE C 211 3.59 -19.69 -1.14
N THR C 212 4.42 -19.84 -2.16
CA THR C 212 5.68 -20.57 -2.01
C THR C 212 6.83 -19.61 -2.34
N LEU C 213 7.74 -19.45 -1.39
CA LEU C 213 8.88 -18.57 -1.53
C LEU C 213 10.16 -19.41 -1.56
N LYS C 214 11.05 -19.13 -2.49
CA LYS C 214 12.38 -19.82 -2.53
C LYS C 214 13.47 -18.80 -2.48
N SER C 215 14.20 -18.73 -1.37
CA SER C 215 15.25 -17.78 -1.18
C SER C 215 16.56 -18.43 -1.57
N THR C 216 17.38 -17.71 -2.32
CA THR C 216 18.70 -18.20 -2.72
C THR C 216 19.79 -17.43 -1.98
N THR C 217 20.45 -18.17 -1.11
CA THR C 217 21.57 -17.70 -0.32
C THR C 217 22.86 -18.47 -0.74
N SER C 218 24.01 -17.80 -0.63
CA SER C 218 25.32 -18.47 -0.49
C SER C 218 25.70 -18.33 0.98
N GLY C 219 25.44 -19.34 1.81
CA GLY C 219 26.11 -19.45 3.12
C GLY C 219 25.99 -18.26 4.07
N CYS C 220 24.79 -17.72 4.17
CA CYS C 220 24.39 -16.76 5.20
C CYS C 220 23.02 -17.21 5.70
N LYS C 221 22.60 -16.68 6.84
CA LYS C 221 21.27 -16.99 7.35
C LYS C 221 20.22 -16.26 6.54
N PRO C 222 19.10 -16.93 6.25
CA PRO C 222 18.04 -16.24 5.50
C PRO C 222 17.35 -15.20 6.39
N ILE C 223 17.87 -13.98 6.36
CA ILE C 223 17.32 -12.86 7.14
C ILE C 223 17.08 -11.70 6.20
N PHE C 224 15.82 -11.49 5.86
CA PHE C 224 15.45 -10.56 4.82
C PHE C 224 13.95 -10.26 4.92
N GLN C 225 13.57 -9.10 4.37
CA GLN C 225 12.16 -8.78 4.12
C GLN C 225 11.91 -8.72 2.61
N MET C 226 10.73 -9.15 2.17
CA MET C 226 10.33 -8.99 0.79
C MET C 226 8.83 -8.78 0.68
N SER C 227 8.43 -8.08 -0.35
CA SER C 227 7.02 -7.91 -0.65
C SER C 227 6.74 -7.99 -2.11
N PHE C 228 5.49 -8.32 -2.42
CA PHE C 228 5.00 -8.31 -3.78
C PHE C 228 3.48 -8.14 -3.71
N MET C 229 2.93 -7.79 -4.86
CA MET C 229 1.49 -7.62 -5.00
C MET C 229 0.86 -8.62 -5.92
N TYR C 230 -0.37 -9.00 -5.60
CA TYR C 230 -1.16 -9.82 -6.48
C TYR C 230 -2.60 -9.42 -6.43
N GLU C 231 -3.40 -9.96 -7.32
CA GLU C 231 -4.80 -9.60 -7.47
CA GLU C 231 -4.80 -9.58 -7.52
C GLU C 231 -5.71 -10.66 -6.90
N SER C 232 -6.75 -10.23 -6.16
CA SER C 232 -7.80 -11.16 -5.72
C SER C 232 -9.09 -10.87 -6.47
N GLN C 233 -9.70 -11.91 -7.04
CA GLN C 233 -11.00 -11.77 -7.72
CA GLN C 233 -11.01 -11.76 -7.72
C GLN C 233 -12.19 -12.01 -6.78
N ILE C 234 -11.91 -12.19 -5.50
CA ILE C 234 -12.97 -12.38 -4.49
C ILE C 234 -13.37 -10.98 -4.03
N GLY C 235 -14.59 -10.61 -4.36
CA GLY C 235 -15.10 -9.31 -3.97
C GLY C 235 -15.46 -9.35 -2.51
N ILE C 236 -15.23 -8.24 -1.83
CA ILE C 236 -15.72 -8.05 -0.49
C ILE C 236 -17.09 -7.42 -0.69
N VAL C 237 -18.14 -8.18 -0.36
CA VAL C 237 -19.52 -7.72 -0.55
C VAL C 237 -20.26 -7.74 0.78
C1 GOL D . -6.75 1.48 -25.71
O1 GOL D . -7.71 2.56 -25.58
C2 GOL D . -6.56 1.01 -27.14
O2 GOL D . -5.87 2.01 -27.88
C3 GOL D . -5.75 -0.29 -27.20
O3 GOL D . -6.62 -1.44 -27.23
#